data_2V53
#
_entry.id   2V53
#
_cell.length_a   89.790
_cell.length_b   89.790
_cell.length_c   127.100
_cell.angle_alpha   90.00
_cell.angle_beta   90.00
_cell.angle_gamma   90.00
#
_symmetry.space_group_name_H-M   'P 42 21 2'
#
loop_
_entity.id
_entity.type
_entity.pdbx_description
1 polymer SPARC
2 polymer 'COLLAGEN ALPHA-1(III) CHAIN'
3 branched 2-acetamido-2-deoxy-beta-D-glucopyranose-(1-4)-2-acetamido-2-deoxy-beta-D-glucopyranose
4 non-polymer 'CALCIUM ION'
5 non-polymer 'SULFATE ION'
#
loop_
_entity_poly.entity_id
_entity_poly.type
_entity_poly.pdbx_seq_one_letter_code
_entity_poly.pdbx_strand_id
1 'polypeptide(L)'
;APLANPCQNHHCKHGKVCELDENNTPMCVCQDPTSCPAPIGEFEKVCSNDNKTFDSSCHFFATKCTLEGTKKGHKLHLDY
IGPCKYIPPCLDSELTEFPLRMRDWLKNVLVTLYERDEDNNLLTEKQKLRVKKIHENEKRLEAGDHPEKNYNMYIFPVHW
QFGQLDQHPIDGYLSHTELAPLRAPLIPMEHCTTRFFETCDLDNDKYIALDEWAGCFGIKQKDIDKDLVI
;
A
2 'polypeptide(L)' GP(HYP)GP(HYP)GP(HYP)GPSGPRGQ(HYP)GVMGF(HYP)GPKGP(HYP)GA(HYP) B,C,D
#
# COMPACT_ATOMS: atom_id res chain seq x y z
N PRO A 6 -0.44 -6.47 -32.64
CA PRO A 6 0.95 -6.90 -32.62
C PRO A 6 1.61 -6.62 -31.28
N CYS A 7 0.86 -6.06 -30.35
CA CYS A 7 1.42 -5.56 -29.08
C CYS A 7 0.87 -6.15 -27.78
N GLN A 8 -0.44 -6.38 -27.73
CA GLN A 8 -1.10 -6.84 -26.51
C GLN A 8 -0.21 -7.76 -25.66
N ASN A 9 0.57 -8.61 -26.32
CA ASN A 9 1.38 -9.64 -25.64
C ASN A 9 2.73 -9.16 -25.11
N HIS A 10 2.95 -7.84 -25.10
CA HIS A 10 4.19 -7.29 -24.55
C HIS A 10 3.88 -6.41 -23.33
N HIS A 11 4.46 -6.78 -22.19
CA HIS A 11 4.29 -6.03 -20.96
C HIS A 11 5.60 -5.35 -20.56
N CYS A 12 5.58 -4.03 -20.50
CA CYS A 12 6.78 -3.26 -20.15
C CYS A 12 6.78 -2.81 -18.69
N LYS A 13 7.98 -2.75 -18.09
CA LYS A 13 8.15 -2.32 -16.70
C LYS A 13 7.44 -0.99 -16.39
N HIS A 14 7.24 -0.70 -15.10
CA HIS A 14 6.57 0.56 -14.69
C HIS A 14 7.26 1.78 -15.29
N GLY A 15 6.55 2.48 -16.16
CA GLY A 15 7.07 3.70 -16.75
C GLY A 15 7.17 3.63 -18.27
N LYS A 16 7.21 2.40 -18.79
CA LYS A 16 7.37 2.18 -20.22
C LYS A 16 6.04 1.70 -20.85
N VAL A 17 5.92 1.83 -22.17
CA VAL A 17 4.77 1.30 -22.94
C VAL A 17 5.27 0.49 -24.15
N CYS A 18 4.35 0.04 -25.01
CA CYS A 18 4.73 -0.67 -26.24
C CYS A 18 4.69 0.28 -27.45
N GLU A 19 5.81 0.35 -28.18
CA GLU A 19 5.85 1.04 -29.49
C GLU A 19 6.65 0.21 -30.47
N LEU A 20 6.20 0.15 -31.72
CA LEU A 20 6.82 -0.73 -32.73
C LEU A 20 8.11 -0.15 -33.32
N ASP A 21 9.14 -0.98 -33.44
CA ASP A 21 10.41 -0.56 -34.07
C ASP A 21 10.31 -0.58 -35.60
N GLU A 22 11.34 -0.09 -36.28
CA GLU A 22 11.27 0.09 -37.74
C GLU A 22 11.00 -1.20 -38.51
N ASN A 23 10.96 -2.33 -37.80
CA ASN A 23 10.69 -3.64 -38.41
C ASN A 23 9.31 -4.21 -38.03
N ASN A 24 8.52 -3.40 -37.34
CA ASN A 24 7.19 -3.81 -36.82
C ASN A 24 7.24 -4.84 -35.68
N THR A 25 8.37 -4.90 -34.97
CA THR A 25 8.58 -5.87 -33.90
C THR A 25 8.62 -5.22 -32.50
N PRO A 26 7.73 -5.66 -31.59
CA PRO A 26 7.49 -4.99 -30.31
C PRO A 26 8.76 -4.61 -29.57
N MET A 27 8.75 -3.43 -28.96
CA MET A 27 9.84 -2.99 -28.09
C MET A 27 9.24 -2.10 -27.01
N CYS A 28 10.08 -1.64 -26.09
CA CYS A 28 9.63 -0.82 -24.98
C CYS A 28 10.40 0.48 -24.88
N VAL A 29 9.66 1.58 -24.93
CA VAL A 29 10.24 2.90 -24.73
C VAL A 29 9.54 3.62 -23.55
N CYS A 30 10.08 4.75 -23.12
CA CYS A 30 9.49 5.48 -22.02
C CYS A 30 8.13 6.14 -22.40
N GLN A 31 7.22 6.26 -21.43
CA GLN A 31 5.85 6.74 -21.68
C GLN A 31 5.73 8.25 -21.76
N ASP A 32 4.83 8.71 -22.64
CA ASP A 32 4.47 10.11 -22.75
C ASP A 32 3.57 10.46 -21.58
N PRO A 33 4.14 11.13 -20.55
CA PRO A 33 3.36 11.32 -19.34
C PRO A 33 2.01 11.88 -19.74
N THR A 34 2.05 12.79 -20.71
CA THR A 34 0.87 13.39 -21.31
C THR A 34 -0.30 12.44 -21.58
N SER A 35 -0.03 11.15 -21.73
CA SER A 35 -1.04 10.18 -22.18
C SER A 35 -1.57 9.22 -21.11
N CYS A 36 -1.45 9.60 -19.84
CA CYS A 36 -1.97 8.78 -18.75
C CYS A 36 -3.32 9.28 -18.28
N PRO A 37 -4.10 8.39 -17.64
CA PRO A 37 -5.43 8.75 -17.13
C PRO A 37 -5.36 9.91 -16.15
N ALA A 38 -6.09 10.98 -16.44
CA ALA A 38 -6.27 12.04 -15.46
C ALA A 38 -6.75 11.41 -14.17
N PRO A 39 -6.26 11.92 -13.04
CA PRO A 39 -6.71 11.44 -11.74
C PRO A 39 -8.23 11.34 -11.70
N ILE A 40 -8.75 10.18 -11.33
CA ILE A 40 -10.18 9.99 -11.16
C ILE A 40 -10.73 10.83 -10.01
N GLY A 41 -9.83 11.41 -9.23
CA GLY A 41 -10.21 12.25 -8.11
C GLY A 41 -8.94 12.90 -7.63
N GLU A 42 -8.91 13.32 -6.37
CA GLU A 42 -7.69 13.89 -5.84
C GLU A 42 -6.76 12.81 -5.36
N PHE A 43 -7.33 11.67 -4.96
CA PHE A 43 -6.54 10.57 -4.45
C PHE A 43 -5.49 10.05 -5.43
N GLU A 44 -5.82 10.01 -6.71
CA GLU A 44 -4.93 9.42 -7.67
C GLU A 44 -3.60 10.17 -7.75
N LYS A 45 -3.53 11.36 -7.21
CA LYS A 45 -2.32 12.19 -7.31
C LYS A 45 -1.28 11.76 -6.30
N VAL A 46 -0.01 12.05 -6.58
CA VAL A 46 1.10 11.70 -5.70
C VAL A 46 1.95 12.95 -5.43
N CYS A 47 2.60 13.00 -4.29
CA CYS A 47 3.41 14.16 -3.93
C CYS A 47 4.84 13.78 -4.19
N SER A 48 5.77 14.69 -3.94
CA SER A 48 7.15 14.41 -4.30
C SER A 48 8.05 15.11 -3.31
N ASN A 49 9.26 14.59 -3.17
CA ASN A 49 10.20 15.15 -2.21
C ASN A 49 10.06 16.67 -2.10
N ASP A 50 9.78 17.32 -3.22
CA ASP A 50 9.86 18.77 -3.31
C ASP A 50 8.54 19.51 -3.12
N ASN A 51 7.60 18.93 -2.38
CA ASN A 51 6.27 19.53 -2.30
C ASN A 51 5.83 19.92 -3.73
N LYS A 52 5.86 18.94 -4.62
CA LYS A 52 5.55 19.17 -6.03
C LYS A 52 4.68 18.05 -6.57
N THR A 53 3.46 18.39 -6.98
CA THR A 53 2.40 17.42 -7.24
C THR A 53 2.39 16.81 -8.63
N PHE A 54 2.18 15.49 -8.72
CA PHE A 54 1.91 14.85 -10.01
C PHE A 54 0.51 14.28 -10.07
N ASP A 55 -0.01 14.14 -11.28
CA ASP A 55 -1.39 13.70 -11.48
C ASP A 55 -1.66 12.23 -11.19
N SER A 56 -0.61 11.42 -11.09
CA SER A 56 -0.80 9.99 -10.82
C SER A 56 0.53 9.29 -10.67
N SER A 57 0.48 7.99 -10.36
CA SER A 57 1.66 7.15 -10.33
C SER A 57 2.32 7.23 -11.70
N CYS A 58 1.61 6.75 -12.71
CA CYS A 58 2.09 6.85 -14.08
C CYS A 58 2.89 8.13 -14.27
N HIS A 59 2.25 9.27 -14.00
CA HIS A 59 2.85 10.58 -14.24
C HIS A 59 4.20 10.77 -13.58
N PHE A 60 4.51 9.95 -12.59
CA PHE A 60 5.75 10.13 -11.89
C PHE A 60 6.78 9.22 -12.52
N PHE A 61 6.32 8.04 -12.90
CA PHE A 61 7.17 7.07 -13.60
C PHE A 61 7.57 7.67 -14.93
N ALA A 62 6.63 7.78 -15.85
CA ALA A 62 6.94 8.34 -17.16
C ALA A 62 7.79 9.63 -17.11
N THR A 63 7.76 10.37 -15.98
CA THR A 63 8.67 11.49 -15.80
C THR A 63 10.00 10.91 -15.46
N LYS A 64 10.04 10.19 -14.35
CA LYS A 64 11.28 9.65 -13.80
C LYS A 64 11.92 8.62 -14.72
N CYS A 65 11.11 7.88 -15.49
CA CYS A 65 11.62 6.82 -16.34
C CYS A 65 12.75 7.32 -17.21
N THR A 66 12.50 8.33 -18.03
CA THR A 66 13.55 8.75 -18.94
C THR A 66 14.53 9.62 -18.18
N LEU A 67 14.90 9.16 -16.99
CA LEU A 67 15.92 9.81 -16.17
C LEU A 67 16.92 8.83 -15.52
N GLU A 68 17.93 9.39 -14.86
CA GLU A 68 19.00 8.61 -14.26
C GLU A 68 20.23 9.45 -13.88
N GLY A 69 20.84 9.10 -12.74
CA GLY A 69 22.17 9.55 -12.38
C GLY A 69 22.41 11.03 -12.25
N THR A 70 21.45 11.72 -11.67
CA THR A 70 21.59 13.14 -11.41
C THR A 70 21.95 13.31 -9.92
N LYS A 71 22.39 14.49 -9.53
CA LYS A 71 22.64 14.76 -8.10
C LYS A 71 21.51 15.60 -7.50
N LYS A 72 20.86 16.40 -8.35
CA LYS A 72 19.67 17.14 -7.96
C LYS A 72 18.46 16.22 -8.03
N GLY A 73 18.67 15.03 -8.58
CA GLY A 73 17.62 14.03 -8.71
C GLY A 73 17.81 12.94 -7.69
N HIS A 74 19.02 12.81 -7.18
CA HIS A 74 19.31 11.83 -6.13
C HIS A 74 18.52 12.19 -4.89
N LYS A 75 18.41 13.50 -4.63
CA LYS A 75 17.66 13.99 -3.48
C LYS A 75 16.21 14.25 -3.86
N LEU A 76 15.71 13.51 -4.84
CA LEU A 76 14.31 13.61 -5.27
C LEU A 76 13.67 12.23 -5.39
N HIS A 77 12.70 11.96 -4.52
CA HIS A 77 11.97 10.71 -4.58
C HIS A 77 10.50 10.91 -4.21
N LEU A 78 9.66 9.98 -4.66
CA LEU A 78 8.20 10.04 -4.53
C LEU A 78 7.71 9.87 -3.10
N ASP A 79 7.28 10.98 -2.52
CA ASP A 79 7.10 11.06 -1.08
C ASP A 79 5.85 10.37 -0.50
N TYR A 80 4.69 10.46 -1.17
CA TYR A 80 3.45 9.89 -0.63
C TYR A 80 2.23 10.15 -1.52
N ILE A 81 1.19 9.34 -1.31
CA ILE A 81 -0.04 9.46 -2.08
C ILE A 81 -0.86 10.67 -1.60
N GLY A 82 -1.82 11.10 -2.40
CA GLY A 82 -2.49 12.36 -2.18
C GLY A 82 -1.80 13.38 -3.04
N PRO A 83 -2.34 14.59 -3.16
CA PRO A 83 -1.62 15.70 -3.78
C PRO A 83 -0.83 16.37 -2.69
N CYS A 84 -0.01 17.35 -3.03
CA CYS A 84 0.91 17.92 -2.05
C CYS A 84 0.22 18.93 -1.17
N LYS A 85 0.13 18.60 0.12
CA LYS A 85 -0.48 19.47 1.10
C LYS A 85 0.54 19.81 2.18
N TYR A 86 0.22 20.81 2.99
CA TYR A 86 1.03 21.13 4.16
C TYR A 86 0.88 20.02 5.16
N ILE A 87 1.97 19.69 5.84
CA ILE A 87 1.91 18.72 6.92
C ILE A 87 2.40 19.36 8.21
N PRO A 88 1.52 19.43 9.23
CA PRO A 88 1.82 20.08 10.51
C PRO A 88 2.91 19.29 11.21
N PRO A 89 3.63 19.94 12.12
CA PRO A 89 4.73 19.29 12.86
C PRO A 89 4.22 18.25 13.87
N CYS A 90 4.93 17.13 13.98
CA CYS A 90 4.54 16.11 14.95
C CYS A 90 4.97 16.52 16.34
N LEU A 91 4.04 17.12 17.09
CA LEU A 91 4.31 17.53 18.46
C LEU A 91 4.57 16.31 19.34
N ASP A 92 5.43 16.48 20.34
CA ASP A 92 5.80 15.35 21.18
C ASP A 92 4.60 14.68 21.85
N SER A 93 3.62 15.51 22.25
CA SER A 93 2.39 14.97 22.82
C SER A 93 1.76 13.95 21.87
N GLU A 94 1.77 14.27 20.58
CA GLU A 94 1.12 13.47 19.56
C GLU A 94 1.99 12.29 19.18
N LEU A 95 3.29 12.53 19.12
CA LEU A 95 4.22 11.52 18.65
C LEU A 95 4.32 10.37 19.64
N THR A 96 3.70 10.56 20.79
CA THR A 96 3.65 9.53 21.83
C THR A 96 2.32 8.82 21.72
N GLU A 97 1.28 9.61 21.86
CA GLU A 97 -0.09 9.21 21.68
C GLU A 97 -0.25 8.41 20.38
N PHE A 98 0.84 8.18 19.68
CA PHE A 98 0.76 7.64 18.32
C PHE A 98 0.91 6.13 18.21
N PRO A 99 2.01 5.58 18.71
CA PRO A 99 2.15 4.13 18.57
C PRO A 99 0.92 3.44 19.10
N LEU A 100 0.31 4.01 20.13
CA LEU A 100 -0.90 3.41 20.69
C LEU A 100 -2.06 3.47 19.71
N ARG A 101 -2.13 4.51 18.89
CA ARG A 101 -3.16 4.56 17.88
C ARG A 101 -2.87 3.61 16.73
N MET A 102 -1.69 3.69 16.13
CA MET A 102 -1.41 2.87 14.97
C MET A 102 -1.60 1.39 15.27
N ARG A 103 -1.04 0.93 16.38
CA ARG A 103 -1.03 -0.48 16.69
C ARG A 103 -2.43 -0.97 16.87
N ASP A 104 -3.30 -0.06 17.29
CA ASP A 104 -4.70 -0.40 17.42
C ASP A 104 -5.19 -0.57 16.02
N TRP A 105 -4.83 0.38 15.18
CA TRP A 105 -5.28 0.38 13.79
C TRP A 105 -4.83 -0.90 13.10
N LEU A 106 -3.65 -1.38 13.43
CA LEU A 106 -3.16 -2.66 12.90
C LEU A 106 -4.12 -3.78 13.29
N LYS A 107 -4.38 -3.91 14.59
CA LYS A 107 -5.37 -4.87 15.07
C LYS A 107 -6.58 -4.88 14.16
N ASN A 108 -7.16 -3.71 13.90
CA ASN A 108 -8.33 -3.63 13.04
C ASN A 108 -8.00 -4.06 11.63
N VAL A 109 -6.90 -3.51 11.11
CA VAL A 109 -6.43 -3.88 9.80
C VAL A 109 -6.39 -5.37 9.70
N LEU A 110 -5.86 -6.02 10.72
CA LEU A 110 -5.88 -7.48 10.69
C LEU A 110 -7.30 -8.00 10.68
N VAL A 111 -8.09 -7.60 11.67
CA VAL A 111 -9.43 -8.13 11.80
C VAL A 111 -10.26 -7.86 10.55
N THR A 112 -10.11 -6.66 10.00
CA THR A 112 -10.81 -6.32 8.76
C THR A 112 -10.32 -7.19 7.59
N LEU A 113 -9.40 -8.12 7.87
CA LEU A 113 -8.89 -9.04 6.86
C LEU A 113 -9.43 -10.43 7.12
N TYR A 114 -9.31 -10.86 8.37
CA TYR A 114 -9.89 -12.11 8.82
C TYR A 114 -11.25 -12.30 8.13
N GLU A 115 -11.99 -11.21 7.98
CA GLU A 115 -13.31 -11.26 7.36
C GLU A 115 -13.23 -11.49 5.86
N ARG A 116 -12.35 -10.75 5.20
CA ARG A 116 -12.28 -10.81 3.74
C ARG A 116 -11.58 -12.07 3.24
N ASP A 117 -10.73 -12.63 4.09
CA ASP A 117 -9.94 -13.79 3.70
C ASP A 117 -10.81 -15.00 3.54
N GLU A 118 -10.92 -15.44 2.29
CA GLU A 118 -11.68 -16.64 1.97
C GLU A 118 -10.76 -17.62 1.27
N ASP A 119 -10.05 -18.42 2.08
CA ASP A 119 -9.07 -19.42 1.62
C ASP A 119 -7.63 -18.89 1.57
N ASN A 120 -7.12 -18.58 2.74
CA ASN A 120 -5.72 -18.25 2.95
C ASN A 120 -5.06 -17.31 1.93
N ASN A 121 -5.88 -16.51 1.26
CA ASN A 121 -5.38 -15.53 0.30
C ASN A 121 -4.90 -14.22 0.94
N LEU A 122 -5.33 -13.99 2.18
CA LEU A 122 -4.96 -12.78 2.91
C LEU A 122 -4.21 -13.10 4.22
N LEU A 123 -4.65 -14.18 4.88
CA LEU A 123 -3.95 -14.70 6.06
C LEU A 123 -3.73 -16.20 5.91
N THR A 124 -2.61 -16.70 6.41
CA THR A 124 -2.44 -18.16 6.47
C THR A 124 -3.59 -18.71 7.29
N GLU A 125 -3.43 -19.96 7.73
CA GLU A 125 -4.44 -20.54 8.59
C GLU A 125 -4.01 -20.33 10.02
N LYS A 126 -2.72 -20.39 10.26
CA LYS A 126 -2.18 -20.18 11.61
C LYS A 126 -2.60 -18.82 12.11
N GLN A 127 -2.29 -17.81 11.31
CA GLN A 127 -2.63 -16.43 11.62
C GLN A 127 -4.14 -16.27 11.82
N LYS A 128 -4.91 -16.64 10.80
CA LYS A 128 -6.36 -16.63 10.88
C LYS A 128 -6.83 -17.19 12.22
N LEU A 129 -5.95 -17.92 12.91
CA LEU A 129 -6.34 -18.52 14.17
C LEU A 129 -5.67 -17.85 15.37
N ARG A 130 -4.83 -16.86 15.11
CA ARG A 130 -4.33 -16.02 16.18
C ARG A 130 -5.27 -14.84 16.28
N VAL A 131 -5.83 -14.49 15.13
CA VAL A 131 -6.82 -13.43 15.04
C VAL A 131 -8.11 -13.94 15.67
N LYS A 132 -8.43 -15.20 15.40
CA LYS A 132 -9.61 -15.82 16.00
C LYS A 132 -9.54 -15.66 17.52
N LYS A 133 -8.44 -16.11 18.10
CA LYS A 133 -8.23 -15.99 19.55
C LYS A 133 -8.05 -14.54 19.98
N ILE A 134 -7.86 -13.65 19.02
CA ILE A 134 -7.71 -12.23 19.34
C ILE A 134 -9.04 -11.51 19.20
N HIS A 135 -9.84 -11.93 18.23
CA HIS A 135 -11.15 -11.33 18.04
C HIS A 135 -11.95 -11.54 19.29
N GLU A 136 -12.58 -12.71 19.39
CA GLU A 136 -13.39 -13.07 20.54
C GLU A 136 -12.86 -12.43 21.82
N ASN A 137 -13.30 -11.19 22.06
CA ASN A 137 -12.88 -10.42 23.22
C ASN A 137 -13.86 -9.32 23.56
N GLU A 138 -14.86 -9.69 24.35
CA GLU A 138 -15.79 -8.76 24.96
C GLU A 138 -15.26 -8.43 26.34
N LYS A 139 -13.93 -8.40 26.44
CA LYS A 139 -13.27 -8.04 27.69
C LYS A 139 -13.49 -6.57 27.98
N ASN A 150 -6.20 -3.74 25.17
CA ASN A 150 -5.09 -4.03 26.08
C ASN A 150 -4.01 -4.89 25.43
N TYR A 151 -2.77 -4.69 25.88
CA TYR A 151 -1.55 -5.29 25.32
C TYR A 151 -1.62 -6.71 24.69
N ASN A 152 -2.45 -7.61 25.22
CA ASN A 152 -2.49 -9.02 24.78
C ASN A 152 -3.08 -9.27 23.39
N MET A 153 -3.02 -8.27 22.54
CA MET A 153 -3.57 -8.40 21.20
C MET A 153 -2.53 -7.91 20.22
N TYR A 154 -2.20 -6.64 20.37
CA TYR A 154 -1.24 -5.94 19.53
C TYR A 154 -0.01 -6.76 19.11
N ILE A 155 0.47 -7.62 20.00
CA ILE A 155 1.67 -8.41 19.73
C ILE A 155 1.71 -8.94 18.30
N PHE A 156 0.70 -9.70 17.90
CA PHE A 156 0.69 -10.24 16.56
C PHE A 156 0.64 -9.15 15.50
N PRO A 157 -0.44 -8.36 15.48
CA PRO A 157 -0.45 -7.25 14.54
C PRO A 157 0.94 -6.69 14.27
N VAL A 158 1.48 -5.90 15.19
CA VAL A 158 2.79 -5.31 14.95
C VAL A 158 3.71 -6.22 14.14
N HIS A 159 4.00 -7.41 14.66
CA HIS A 159 4.78 -8.40 13.93
C HIS A 159 4.29 -8.57 12.51
N TRP A 160 3.07 -9.10 12.38
CA TRP A 160 2.53 -9.32 11.07
C TRP A 160 2.81 -8.16 10.15
N GLN A 161 2.66 -6.95 10.66
CA GLN A 161 2.90 -5.78 9.83
C GLN A 161 4.32 -5.83 9.33
N PHE A 162 5.25 -5.94 10.27
CA PHE A 162 6.67 -5.99 9.95
C PHE A 162 6.93 -7.06 8.92
N GLY A 163 6.26 -8.21 9.09
CA GLY A 163 6.40 -9.29 8.14
C GLY A 163 6.29 -8.71 6.75
N GLN A 164 5.08 -8.20 6.47
CA GLN A 164 4.69 -7.65 5.17
C GLN A 164 5.71 -6.75 4.53
N LEU A 165 6.41 -5.96 5.34
CA LEU A 165 7.36 -4.98 4.82
C LEU A 165 8.70 -5.59 4.42
N ASP A 166 9.58 -5.79 5.40
CA ASP A 166 10.87 -6.45 5.18
C ASP A 166 10.77 -7.53 4.11
N GLN A 167 11.22 -7.21 2.90
CA GLN A 167 11.06 -8.10 1.76
C GLN A 167 12.02 -7.86 0.61
N HIS A 168 12.86 -6.83 0.73
CA HIS A 168 13.83 -6.55 -0.31
C HIS A 168 15.08 -6.00 0.30
N PRO A 169 15.90 -6.90 0.85
CA PRO A 169 15.53 -8.31 0.87
C PRO A 169 15.24 -8.76 2.28
N ILE A 170 14.51 -9.85 2.44
CA ILE A 170 14.19 -10.32 3.78
C ILE A 170 15.46 -10.50 4.58
N ASP A 171 15.62 -9.70 5.64
CA ASP A 171 16.85 -9.78 6.42
C ASP A 171 16.68 -9.43 7.90
N GLY A 172 15.49 -8.96 8.27
CA GLY A 172 15.23 -8.58 9.64
C GLY A 172 15.33 -7.08 9.85
N TYR A 173 15.64 -6.36 8.77
CA TYR A 173 15.72 -4.90 8.82
C TYR A 173 14.77 -4.24 7.81
N LEU A 174 14.41 -2.99 8.07
CA LEU A 174 13.45 -2.28 7.22
C LEU A 174 14.07 -1.08 6.52
N SER A 175 14.35 -1.22 5.24
CA SER A 175 14.98 -0.15 4.49
C SER A 175 13.94 0.94 4.38
N HIS A 176 14.40 2.15 4.13
CA HIS A 176 13.47 3.24 3.88
C HIS A 176 12.49 2.90 2.72
N THR A 177 13.01 2.32 1.66
CA THR A 177 12.17 1.92 0.55
C THR A 177 11.17 0.85 0.93
N GLU A 178 11.49 0.10 1.97
CA GLU A 178 10.64 -1.01 2.37
C GLU A 178 9.42 -0.48 3.10
N LEU A 179 9.54 0.76 3.57
CA LEU A 179 8.47 1.46 4.27
C LEU A 179 7.49 2.13 3.35
N ALA A 180 7.99 2.65 2.23
CA ALA A 180 7.14 3.34 1.27
C ALA A 180 5.69 2.93 1.37
N PRO A 181 5.38 1.66 1.09
CA PRO A 181 3.99 1.20 0.95
C PRO A 181 3.16 1.47 2.18
N LEU A 182 3.81 1.93 3.24
CA LEU A 182 3.06 2.29 4.42
C LEU A 182 3.24 3.76 4.72
N ARG A 183 4.46 4.25 4.57
CA ARG A 183 4.70 5.65 4.81
C ARG A 183 3.93 6.52 3.84
N ALA A 184 4.01 6.23 2.55
CA ALA A 184 3.33 7.03 1.52
C ALA A 184 1.82 7.16 1.71
N PRO A 185 1.12 6.03 1.75
CA PRO A 185 -0.34 6.11 1.77
C PRO A 185 -0.83 6.68 3.07
N LEU A 186 0.09 7.01 3.96
CA LEU A 186 -0.29 7.26 5.35
C LEU A 186 0.01 8.68 5.77
N ILE A 187 1.11 9.23 5.30
CA ILE A 187 1.50 10.56 5.72
C ILE A 187 0.34 11.56 5.67
N PRO A 188 -0.48 11.52 4.61
CA PRO A 188 -1.43 12.63 4.52
C PRO A 188 -2.67 12.40 5.39
N MET A 189 -2.65 11.37 6.23
CA MET A 189 -3.72 11.17 7.19
C MET A 189 -3.14 11.22 8.60
N GLU A 190 -1.82 11.32 8.68
CA GLU A 190 -1.13 11.21 9.95
C GLU A 190 0.22 11.91 9.94
N HIS A 191 0.20 13.22 10.16
CA HIS A 191 1.41 14.01 10.05
C HIS A 191 2.52 13.37 10.88
N CYS A 192 2.11 12.75 11.96
CA CYS A 192 3.08 12.14 12.82
C CYS A 192 3.84 10.99 12.14
N THR A 193 3.39 10.57 10.96
CA THR A 193 3.93 9.34 10.41
C THR A 193 5.41 9.41 10.13
N THR A 194 5.85 10.49 9.51
CA THR A 194 7.22 10.53 9.03
C THR A 194 8.11 10.44 10.24
N ARG A 195 7.73 11.22 11.26
CA ARG A 195 8.45 11.28 12.52
C ARG A 195 8.52 9.89 13.15
N PHE A 196 7.34 9.30 13.35
CA PHE A 196 7.26 8.05 14.08
C PHE A 196 8.19 6.96 13.53
N PHE A 197 8.45 6.98 12.23
CA PHE A 197 9.27 5.92 11.64
C PHE A 197 10.78 6.13 11.70
N GLU A 198 11.22 7.36 11.96
CA GLU A 198 12.65 7.63 12.00
C GLU A 198 13.09 7.52 13.44
N THR A 199 12.15 7.78 14.35
CA THR A 199 12.40 7.64 15.77
C THR A 199 11.93 6.27 16.25
N CYS A 200 12.06 5.29 15.38
CA CYS A 200 11.86 3.89 15.71
C CYS A 200 13.24 3.29 15.63
N ASP A 201 13.94 3.73 14.59
CA ASP A 201 15.32 3.33 14.36
C ASP A 201 16.20 3.91 15.47
N LEU A 202 16.15 3.27 16.63
CA LEU A 202 16.85 3.76 17.81
C LEU A 202 18.28 4.11 17.49
N ASP A 203 19.05 3.09 17.13
CA ASP A 203 20.48 3.23 16.93
C ASP A 203 20.83 3.99 15.66
N ASN A 204 19.82 4.50 14.96
CA ASN A 204 20.07 5.34 13.81
C ASN A 204 20.82 4.59 12.70
N ASP A 205 20.56 3.29 12.58
CA ASP A 205 21.14 2.48 11.51
C ASP A 205 20.54 2.80 10.14
N LYS A 206 19.73 3.86 10.08
CA LYS A 206 18.96 4.21 8.87
C LYS A 206 18.13 3.02 8.37
N TYR A 207 17.96 2.04 9.25
CA TYR A 207 17.12 0.87 9.02
C TYR A 207 16.39 0.56 10.32
N ILE A 208 15.24 -0.09 10.22
CA ILE A 208 14.55 -0.54 11.43
C ILE A 208 14.55 -2.06 11.58
N ALA A 209 15.15 -2.52 12.67
CA ALA A 209 15.22 -3.93 12.96
C ALA A 209 14.11 -4.29 13.93
N LEU A 210 13.61 -5.52 13.81
CA LEU A 210 12.43 -5.96 14.56
C LEU A 210 12.42 -5.41 15.97
N ASP A 211 13.56 -5.48 16.68
CA ASP A 211 13.63 -4.93 18.02
C ASP A 211 13.27 -3.44 18.01
N GLU A 212 14.01 -2.66 17.22
CA GLU A 212 13.68 -1.25 17.05
C GLU A 212 12.16 -1.10 16.86
N TRP A 213 11.61 -1.92 15.97
CA TRP A 213 10.20 -1.87 15.53
C TRP A 213 9.17 -2.31 16.56
N ALA A 214 9.52 -3.25 17.43
CA ALA A 214 8.57 -3.72 18.44
C ALA A 214 8.52 -2.76 19.63
N GLY A 215 9.69 -2.34 20.08
CA GLY A 215 9.78 -1.46 21.22
C GLY A 215 9.20 -0.12 20.87
N CYS A 216 9.13 0.16 19.58
CA CYS A 216 8.58 1.41 19.12
C CYS A 216 7.07 1.45 19.38
N PHE A 217 6.41 0.29 19.27
CA PHE A 217 4.97 0.19 19.45
C PHE A 217 4.60 -0.19 20.87
N GLY A 218 5.59 -0.11 21.77
CA GLY A 218 5.37 -0.35 23.18
C GLY A 218 5.26 -1.82 23.51
N ILE A 219 6.14 -2.62 22.93
CA ILE A 219 6.10 -4.06 23.10
C ILE A 219 7.37 -4.65 23.75
N LYS A 220 7.28 -4.98 25.03
CA LYS A 220 8.43 -5.49 25.79
C LYS A 220 9.15 -6.61 25.03
N GLN A 221 10.47 -6.66 25.19
CA GLN A 221 11.33 -7.56 24.41
C GLN A 221 11.15 -9.03 24.76
N LYS A 222 10.40 -9.30 25.82
CA LYS A 222 10.11 -10.66 26.23
C LYS A 222 8.99 -11.25 25.36
N ASP A 223 8.31 -10.39 24.60
CA ASP A 223 7.23 -10.83 23.72
C ASP A 223 7.69 -10.87 22.26
N ILE A 224 8.88 -10.32 22.00
CA ILE A 224 9.45 -10.32 20.66
C ILE A 224 9.76 -11.74 20.20
N ASP A 225 8.78 -12.35 19.55
CA ASP A 225 8.90 -13.73 19.07
C ASP A 225 9.17 -13.71 17.56
N LYS A 226 10.45 -13.82 17.22
CA LYS A 226 10.92 -13.64 15.84
C LYS A 226 10.32 -14.62 14.82
N ASP A 227 9.25 -15.31 15.18
CA ASP A 227 8.66 -16.29 14.29
C ASP A 227 7.33 -15.79 13.73
N LEU A 228 6.92 -14.61 14.19
CA LEU A 228 5.62 -14.04 13.87
C LEU A 228 5.60 -13.31 12.53
N VAL A 229 6.76 -12.84 12.11
CA VAL A 229 6.90 -12.39 10.74
C VAL A 229 6.79 -13.60 9.81
N ILE A 230 7.38 -14.65 10.04
N GLY B 1 -12.41 -25.37 -50.19
CA GLY B 1 -13.42 -25.96 -49.34
C GLY B 1 -13.94 -24.99 -48.28
N PRO B 2 -15.01 -25.38 -47.56
CA PRO B 2 -15.65 -24.63 -46.48
C PRO B 2 -14.73 -24.34 -45.28
N GLY B 4 -12.70 -23.61 -41.69
CA GLY B 4 -12.27 -24.46 -40.59
C GLY B 4 -12.44 -23.80 -39.23
N PRO B 5 -12.37 -24.60 -38.15
CA PRO B 5 -12.79 -24.32 -36.78
C PRO B 5 -12.51 -22.91 -36.30
N GLY B 7 -11.00 -20.12 -33.69
CA GLY B 7 -9.82 -19.92 -32.89
C GLY B 7 -10.06 -20.12 -31.41
N PRO B 8 -8.98 -20.18 -30.64
CA PRO B 8 -8.99 -20.45 -29.20
C PRO B 8 -9.59 -19.28 -28.42
N GLY B 10 -9.52 -16.07 -26.09
CA GLY B 10 -8.56 -14.98 -26.02
C GLY B 10 -8.03 -14.71 -24.61
N PRO B 11 -7.41 -13.54 -24.41
CA PRO B 11 -6.75 -13.13 -23.17
C PRO B 11 -7.71 -12.87 -21.99
N SER B 12 -7.20 -13.08 -20.78
CA SER B 12 -7.93 -12.75 -19.58
C SER B 12 -8.23 -11.26 -19.62
N GLY B 13 -9.41 -10.88 -19.13
CA GLY B 13 -9.78 -9.47 -19.06
C GLY B 13 -8.79 -8.74 -18.19
N PRO B 14 -8.87 -7.41 -18.15
CA PRO B 14 -7.95 -6.61 -17.33
C PRO B 14 -8.38 -6.50 -15.85
N ARG B 15 -7.52 -5.91 -15.01
CA ARG B 15 -7.88 -5.78 -13.59
C ARG B 15 -9.05 -4.84 -13.38
N GLY B 16 -9.83 -5.11 -12.33
CA GLY B 16 -10.99 -4.32 -11.99
C GLY B 16 -10.59 -2.97 -11.44
N GLN B 17 -11.61 -2.20 -11.05
CA GLN B 17 -11.39 -0.85 -10.54
C GLN B 17 -11.14 -0.93 -9.05
N GLY B 19 -11.45 -0.36 -5.18
CA GLY B 19 -12.52 -0.13 -4.24
C GLY B 19 -12.49 1.24 -3.63
N VAL B 20 -13.47 1.51 -2.78
CA VAL B 20 -13.69 2.81 -2.23
C VAL B 20 -12.99 2.97 -0.88
N MET B 21 -12.74 4.21 -0.50
CA MET B 21 -12.14 4.51 0.77
C MET B 21 -12.83 3.74 1.89
N GLY B 22 -12.20 3.69 3.06
CA GLY B 22 -12.64 2.78 4.06
C GLY B 22 -13.35 3.48 5.18
N PHE B 23 -14.22 2.74 5.85
CA PHE B 23 -14.98 3.27 6.95
C PHE B 23 -14.04 4.16 7.79
N GLY B 25 -12.22 5.98 10.92
CA GLY B 25 -11.72 5.38 12.14
C GLY B 25 -12.76 5.46 13.24
N PRO B 26 -12.62 4.65 14.29
CA PRO B 26 -13.52 4.80 15.43
C PRO B 26 -13.22 6.08 16.21
N LYS B 27 -14.05 6.41 17.20
CA LYS B 27 -13.87 7.67 17.93
C LYS B 27 -12.60 7.63 18.75
N GLY B 28 -11.95 8.77 18.87
CA GLY B 28 -10.78 8.88 19.71
C GLY B 28 -11.15 8.66 21.16
N PRO B 29 -10.14 8.33 21.98
CA PRO B 29 -10.23 8.06 23.40
C PRO B 29 -10.17 9.35 24.24
N GLY B 31 -9.73 12.48 26.78
CA GLY B 31 -8.55 13.08 27.39
C GLY B 31 -8.49 12.93 28.89
N ALA B 32 -8.03 11.77 29.33
CA ALA B 32 -8.01 11.37 30.74
C ALA B 32 -7.80 12.51 31.74
N GLY C 1 -9.83 -23.54 -48.34
CA GLY C 1 -10.66 -23.18 -47.21
C GLY C 1 -10.15 -22.01 -46.39
N PRO C 2 -11.00 -21.03 -46.11
CA PRO C 2 -10.63 -19.83 -45.36
C PRO C 2 -10.61 -20.05 -43.84
N GLY C 4 -11.44 -20.02 -40.00
CA GLY C 4 -12.64 -19.98 -39.18
C GLY C 4 -12.85 -18.66 -38.45
N PRO C 5 -13.93 -18.59 -37.66
CA PRO C 5 -14.31 -17.41 -36.88
C PRO C 5 -13.45 -17.31 -35.63
N GLY C 7 -12.57 -16.90 -31.63
CA GLY C 7 -13.08 -17.74 -30.56
C GLY C 7 -13.63 -16.95 -29.41
N PRO C 8 -14.01 -17.66 -28.34
CA PRO C 8 -14.67 -17.05 -27.17
C PRO C 8 -13.83 -15.90 -26.66
N GLY C 10 -11.67 -14.18 -23.60
CA GLY C 10 -10.86 -14.67 -22.51
C GLY C 10 -11.55 -14.50 -21.17
N PRO C 11 -11.30 -15.45 -20.25
CA PRO C 11 -11.96 -15.43 -18.95
C PRO C 11 -11.80 -14.07 -18.29
N SER C 12 -12.76 -13.73 -17.44
CA SER C 12 -12.82 -12.41 -16.86
C SER C 12 -11.58 -12.08 -16.06
N GLY C 13 -11.10 -10.85 -16.19
CA GLY C 13 -9.97 -10.39 -15.42
C GLY C 13 -10.17 -10.52 -13.91
N PRO C 14 -9.21 -9.98 -13.13
CA PRO C 14 -9.11 -10.17 -11.68
C PRO C 14 -9.62 -8.97 -10.91
N ARG C 15 -10.42 -9.24 -9.86
CA ARG C 15 -10.98 -8.23 -8.96
C ARG C 15 -9.95 -7.16 -8.64
N GLY C 16 -10.30 -5.91 -8.89
CA GLY C 16 -9.39 -4.81 -8.65
C GLY C 16 -8.87 -4.78 -7.22
N GLN C 17 -7.79 -4.03 -7.01
CA GLN C 17 -7.17 -3.95 -5.70
C GLN C 17 -8.10 -3.29 -4.69
N GLY C 19 -9.09 -0.28 -1.74
CA GLY C 19 -9.10 1.16 -1.83
C GLY C 19 -8.30 1.76 -0.73
N VAL C 20 -7.94 3.02 -0.91
CA VAL C 20 -7.22 3.77 0.09
C VAL C 20 -7.79 3.49 1.46
N MET C 21 -6.99 3.72 2.50
CA MET C 21 -7.48 3.56 3.88
C MET C 21 -8.41 4.70 4.23
N GLY C 22 -9.14 4.52 5.32
CA GLY C 22 -10.14 5.49 5.72
C GLY C 22 -9.58 6.66 6.50
N PHE C 23 -10.43 7.67 6.70
CA PHE C 23 -10.02 8.86 7.42
C PHE C 23 -9.90 8.56 8.90
N GLY C 25 -10.75 8.63 12.57
CA GLY C 25 -11.97 8.94 13.30
C GLY C 25 -11.90 10.28 14.01
N PRO C 26 -13.00 10.66 14.68
CA PRO C 26 -13.21 11.95 15.35
C PRO C 26 -12.48 12.08 16.69
N LYS C 27 -11.99 13.27 16.99
CA LYS C 27 -11.29 13.53 18.26
C LYS C 27 -12.12 13.20 19.48
N GLY C 28 -11.54 12.42 20.39
CA GLY C 28 -12.24 11.95 21.56
C GLY C 28 -12.71 13.08 22.46
N PRO C 29 -13.73 12.82 23.28
CA PRO C 29 -14.33 13.84 24.14
C PRO C 29 -13.48 14.00 25.39
N GLY C 31 -12.34 14.49 29.50
CA GLY C 31 -12.49 13.65 30.67
C GLY C 31 -12.38 14.35 32.02
N ALA C 32 -11.86 13.63 33.01
CA ALA C 32 -11.78 14.12 34.39
C ALA C 32 -11.19 15.53 34.46
N GLY D 1 -9.64 -25.70 -42.42
CA GLY D 1 -8.82 -24.54 -42.74
C GLY D 1 -8.10 -24.04 -41.50
N PRO D 2 -7.53 -22.81 -41.58
CA PRO D 2 -6.90 -22.22 -40.40
C PRO D 2 -7.90 -22.02 -39.27
N GLY D 4 -9.33 -19.74 -36.63
CA GLY D 4 -9.43 -18.30 -36.63
C GLY D 4 -8.60 -17.67 -35.52
N PRO D 5 -8.47 -16.34 -35.57
CA PRO D 5 -7.68 -15.56 -34.61
C PRO D 5 -8.16 -15.77 -33.18
N GLY D 7 -9.49 -15.39 -29.40
CA GLY D 7 -10.62 -14.62 -28.94
C GLY D 7 -10.20 -13.20 -28.62
N PRO D 8 -11.14 -12.38 -28.17
CA PRO D 8 -10.82 -11.04 -27.68
C PRO D 8 -10.58 -11.10 -26.18
N GLY D 10 -11.15 -10.65 -22.33
CA GLY D 10 -12.43 -10.88 -21.68
C GLY D 10 -13.04 -9.66 -21.03
N PRO D 11 -13.85 -9.89 -19.98
CA PRO D 11 -14.50 -8.91 -19.12
C PRO D 11 -13.55 -8.29 -18.08
N SER D 12 -13.63 -6.97 -17.88
CA SER D 12 -12.85 -6.30 -16.85
C SER D 12 -13.07 -7.00 -15.51
N GLY D 13 -12.13 -6.90 -14.58
CA GLY D 13 -12.36 -7.50 -13.27
C GLY D 13 -13.53 -6.86 -12.55
N PRO D 14 -13.98 -7.46 -11.44
CA PRO D 14 -14.98 -6.82 -10.58
C PRO D 14 -14.39 -5.58 -9.87
N ARG D 15 -15.23 -4.84 -9.14
CA ARG D 15 -14.74 -3.71 -8.35
C ARG D 15 -13.95 -4.31 -7.22
N GLY D 16 -13.04 -3.52 -6.65
CA GLY D 16 -12.16 -4.04 -5.62
C GLY D 16 -12.82 -4.06 -4.26
N GLN D 17 -12.09 -4.50 -3.24
CA GLN D 17 -12.58 -4.40 -1.88
C GLN D 17 -12.38 -2.98 -1.35
N GLY D 19 -11.22 -0.01 0.96
CA GLY D 19 -10.01 0.15 1.74
C GLY D 19 -10.13 -0.26 3.20
N VAL D 20 -9.09 0.01 3.97
CA VAL D 20 -9.13 -0.33 5.38
C VAL D 20 -9.61 0.83 6.23
N MET D 21 -10.39 0.52 7.26
CA MET D 21 -10.91 1.53 8.16
C MET D 21 -9.78 2.37 8.76
N GLY D 22 -9.95 3.68 8.78
CA GLY D 22 -8.88 4.58 9.16
C GLY D 22 -8.43 4.45 10.60
N PHE D 23 -7.44 5.26 10.97
CA PHE D 23 -6.96 5.34 12.33
C PHE D 23 -8.05 5.75 13.30
N GLY D 25 -9.58 8.14 16.06
CA GLY D 25 -9.44 9.57 16.21
C GLY D 25 -8.45 9.89 17.31
N PRO D 26 -7.84 11.08 17.24
CA PRO D 26 -6.82 11.60 18.17
C PRO D 26 -7.21 11.49 19.65
N LYS D 27 -6.38 12.01 20.54
CA LYS D 27 -6.69 11.99 21.97
C LYS D 27 -7.76 13.01 22.31
N GLY D 28 -8.24 12.97 23.55
CA GLY D 28 -9.25 13.92 23.99
C GLY D 28 -8.66 15.07 24.78
N PRO D 29 -9.23 16.27 24.63
CA PRO D 29 -8.71 17.42 25.38
C PRO D 29 -8.86 17.17 26.89
N GLY D 31 -9.88 17.49 30.51
CA GLY D 31 -11.02 18.15 31.11
C GLY D 31 -10.74 19.51 31.71
N ALA D 32 -11.80 20.29 31.90
CA ALA D 32 -11.68 21.62 32.51
C ALA D 32 -10.99 21.51 33.87
#